data_1HTW
#
_entry.id   1HTW
#
_cell.length_a   77.350
_cell.length_b   71.340
_cell.length_c   95.700
_cell.angle_alpha   90.00
_cell.angle_beta   109.45
_cell.angle_gamma   90.00
#
_symmetry.space_group_name_H-M   'C 1 2 1'
#
loop_
_entity.id
_entity.type
_entity.pdbx_description
1 polymer HI0065
2 non-polymer 'MAGNESIUM ION'
3 non-polymer 'SODIUM ION'
4 non-polymer 'ACETATE ION'
5 non-polymer "ADENOSINE-5'-DIPHOSPHATE"
6 water water
#
_entity_poly.entity_id   1
_entity_poly.type   'polypeptide(L)'
_entity_poly.pdbx_seq_one_letter_code
;MESLTQYIPDEFSMLRFGKKFAEILLKLHTEKAIMVYLNGDLGAGKTTLTRGMLQGIGHQGNVKSPTYTLVEEYNIAGKM
IYHFDLYRLADPEELEFMGIRDYFNTDSICLIEWSEKGQGILPEADILVNIDYYDDARNIELIAQTNLGKNIISAFSN
;
_entity_poly.pdbx_strand_id   A,B,C
#
# COMPACT_ATOMS: atom_id res chain seq x y z
N MET A 1 -15.16 20.11 6.69
CA MET A 1 -14.67 20.28 8.09
C MET A 1 -13.14 20.15 8.09
N GLU A 2 -12.64 19.32 9.02
CA GLU A 2 -11.18 19.12 9.04
C GLU A 2 -10.80 18.41 7.74
N SER A 3 -9.52 18.50 7.39
CA SER A 3 -9.08 17.83 6.17
C SER A 3 -7.78 17.06 6.40
N LEU A 4 -7.52 16.08 5.51
CA LEU A 4 -6.26 15.39 5.50
C LEU A 4 -5.74 15.44 4.04
N THR A 5 -4.46 15.76 3.91
CA THR A 5 -3.86 15.66 2.55
C THR A 5 -2.78 14.59 2.65
N GLN A 6 -2.85 13.59 1.77
CA GLN A 6 -1.95 12.46 1.83
C GLN A 6 -1.41 12.04 0.49
N TYR A 7 -0.07 12.11 0.41
CA TYR A 7 0.62 11.68 -0.82
C TYR A 7 0.69 10.15 -0.83
N ILE A 8 0.39 9.63 -1.96
CA ILE A 8 0.34 8.15 -2.19
C ILE A 8 1.29 7.86 -3.40
N PRO A 9 2.51 7.55 -3.06
CA PRO A 9 3.56 7.45 -4.11
C PRO A 9 3.40 6.36 -5.12
N ASP A 10 2.64 5.28 -4.81
CA ASP A 10 2.51 4.16 -5.72
C ASP A 10 1.32 3.30 -5.30
N GLU A 11 0.99 2.35 -6.15
CA GLU A 11 -0.20 1.53 -5.87
C GLU A 11 -0.14 0.80 -4.55
N PHE A 12 0.98 0.31 -4.07
CA PHE A 12 1.07 -0.40 -2.79
C PHE A 12 0.65 0.52 -1.65
N SER A 13 1.08 1.80 -1.83
CA SER A 13 0.71 2.80 -0.83
C SER A 13 -0.79 3.08 -0.88
N MET A 14 -1.45 3.00 -1.99
CA MET A 14 -2.87 3.27 -2.06
C MET A 14 -3.60 2.12 -1.27
N LEU A 15 -3.07 0.92 -1.53
CA LEU A 15 -3.72 -0.23 -0.81
C LEU A 15 -3.49 -0.16 0.70
N ARG A 16 -2.36 0.21 1.19
CA ARG A 16 -2.06 0.39 2.60
C ARG A 16 -2.92 1.51 3.17
N PHE A 17 -3.10 2.60 2.42
CA PHE A 17 -3.97 3.66 2.91
C PHE A 17 -5.42 3.23 2.97
N GLY A 18 -5.87 2.43 1.98
CA GLY A 18 -7.25 1.92 2.07
C GLY A 18 -7.42 1.02 3.32
N LYS A 19 -6.44 0.21 3.60
CA LYS A 19 -6.57 -0.74 4.76
C LYS A 19 -6.67 0.12 6.05
N LYS A 20 -5.79 1.11 6.14
CA LYS A 20 -5.83 1.98 7.37
C LYS A 20 -7.14 2.73 7.46
N PHE A 21 -7.67 3.29 6.39
CA PHE A 21 -8.92 4.02 6.39
C PHE A 21 -10.09 3.10 6.75
N ALA A 22 -10.13 1.90 6.15
CA ALA A 22 -11.24 0.98 6.42
C ALA A 22 -11.18 0.49 7.88
N GLU A 23 -9.99 0.27 8.41
CA GLU A 23 -9.82 -0.13 9.80
C GLU A 23 -10.36 0.94 10.73
N ILE A 24 -10.11 2.22 10.38
CA ILE A 24 -10.67 3.30 11.21
C ILE A 24 -12.17 3.28 11.17
N LEU A 25 -12.79 3.10 9.99
CA LEU A 25 -14.25 3.04 9.88
C LEU A 25 -14.82 1.85 10.67
N LEU A 26 -14.14 0.71 10.67
CA LEU A 26 -14.71 -0.42 11.44
C LEU A 26 -14.61 -0.13 12.96
N LYS A 27 -13.50 0.42 13.37
CA LYS A 27 -13.24 0.61 14.84
C LYS A 27 -14.19 1.65 15.41
N LEU A 28 -14.65 2.58 14.57
CA LEU A 28 -15.60 3.57 15.07
C LEU A 28 -16.92 2.97 15.48
N HIS A 29 -17.26 1.84 14.90
CA HIS A 29 -18.42 1.02 15.21
C HIS A 29 -19.69 1.81 15.32
N THR A 30 -20.06 2.50 14.22
CA THR A 30 -21.25 3.34 14.29
C THR A 30 -22.50 2.56 14.00
N GLU A 31 -23.64 2.98 14.56
CA GLU A 31 -24.91 2.42 14.18
C GLU A 31 -25.40 2.97 12.85
N LYS A 32 -25.01 4.21 12.54
CA LYS A 32 -25.50 4.78 11.27
C LYS A 32 -24.54 4.31 10.13
N ALA A 33 -25.15 4.24 8.98
CA ALA A 33 -24.29 3.77 7.80
C ALA A 33 -23.28 4.90 7.52
N ILE A 34 -22.05 4.52 7.25
CA ILE A 34 -21.04 5.58 6.96
C ILE A 34 -21.02 5.83 5.45
N MET A 35 -21.25 7.06 5.06
CA MET A 35 -21.30 7.39 3.61
C MET A 35 -19.94 7.97 3.21
N VAL A 36 -19.30 7.27 2.25
CA VAL A 36 -18.00 7.74 1.76
C VAL A 36 -18.16 8.00 0.25
N TYR A 37 -17.94 9.25 -0.16
CA TYR A 37 -18.01 9.55 -1.59
C TYR A 37 -16.58 9.57 -2.14
N LEU A 38 -16.31 8.70 -3.14
CA LEU A 38 -15.00 8.58 -3.73
C LEU A 38 -14.99 9.35 -5.08
N ASN A 39 -14.18 10.41 -5.10
CA ASN A 39 -14.18 11.34 -6.23
C ASN A 39 -12.79 11.38 -6.90
N GLY A 40 -12.88 11.66 -8.23
CA GLY A 40 -11.61 11.63 -8.99
C GLY A 40 -11.94 11.17 -10.42
N ASP A 41 -11.07 11.67 -11.35
CA ASP A 41 -11.34 11.31 -12.74
C ASP A 41 -11.25 9.82 -13.00
N LEU A 42 -11.78 9.42 -14.16
CA LEU A 42 -11.58 8.01 -14.58
C LEU A 42 -10.14 7.64 -14.52
N GLY A 43 -9.79 6.58 -13.82
CA GLY A 43 -8.43 6.08 -13.64
C GLY A 43 -7.64 6.64 -12.47
N ALA A 44 -8.24 7.56 -11.69
CA ALA A 44 -7.60 8.16 -10.54
C ALA A 44 -7.26 7.15 -9.44
N GLY A 45 -8.12 6.06 -9.36
CA GLY A 45 -7.79 5.02 -8.37
C GLY A 45 -9.00 4.82 -7.39
N LYS A 46 -10.17 5.22 -7.72
CA LYS A 46 -11.32 5.11 -6.75
C LYS A 46 -11.58 3.64 -6.47
N THR A 47 -11.66 2.83 -7.53
CA THR A 47 -11.80 1.37 -7.37
C THR A 47 -10.64 0.70 -6.79
N THR A 48 -9.37 1.10 -7.03
CA THR A 48 -8.21 0.52 -6.39
C THR A 48 -8.16 0.83 -4.85
N LEU A 49 -8.61 2.05 -4.55
CA LEU A 49 -8.67 2.37 -3.08
C LEU A 49 -9.79 1.50 -2.43
N THR A 50 -10.87 1.39 -3.10
CA THR A 50 -11.96 0.49 -2.57
C THR A 50 -11.41 -0.92 -2.39
N ARG A 51 -10.67 -1.41 -3.36
CA ARG A 51 -10.04 -2.74 -3.21
C ARG A 51 -9.14 -2.85 -2.03
N GLY A 52 -8.27 -1.87 -1.79
CA GLY A 52 -7.37 -1.88 -0.64
C GLY A 52 -8.29 -1.87 0.68
N MET A 53 -9.31 -1.13 0.64
CA MET A 53 -10.20 -1.04 1.87
C MET A 53 -10.81 -2.44 2.12
N LEU A 54 -11.38 -3.02 1.08
CA LEU A 54 -12.13 -4.33 1.35
C LEU A 54 -11.19 -5.47 1.57
N GLN A 55 -10.15 -5.66 0.72
CA GLN A 55 -9.20 -6.71 0.86
C GLN A 55 -8.34 -6.51 2.07
N GLY A 56 -8.16 -5.18 2.39
CA GLY A 56 -7.34 -4.82 3.56
C GLY A 56 -7.98 -5.30 4.88
N ILE A 57 -9.29 -5.30 4.92
CA ILE A 57 -9.96 -5.78 6.19
C ILE A 57 -10.34 -7.25 6.01
N GLY A 58 -9.87 -7.93 4.96
CA GLY A 58 -10.12 -9.38 4.87
C GLY A 58 -10.90 -9.94 3.73
N HIS A 59 -11.53 -9.19 2.82
CA HIS A 59 -12.23 -9.74 1.70
C HIS A 59 -11.25 -10.56 0.87
N GLN A 60 -11.59 -11.82 0.57
CA GLN A 60 -10.75 -12.63 -0.32
C GLN A 60 -11.51 -12.87 -1.62
N GLY A 61 -10.85 -12.47 -2.73
CA GLY A 61 -11.57 -12.52 -4.00
C GLY A 61 -11.47 -11.21 -4.75
N ASN A 62 -11.92 -11.21 -6.02
CA ASN A 62 -11.84 -10.02 -6.83
C ASN A 62 -12.81 -8.95 -6.33
N VAL A 63 -12.37 -7.69 -6.52
CA VAL A 63 -13.25 -6.57 -6.23
C VAL A 63 -13.64 -5.98 -7.60
N LYS A 64 -14.79 -6.40 -8.08
CA LYS A 64 -15.26 -6.03 -9.42
C LYS A 64 -16.17 -4.84 -9.34
N SER A 65 -15.82 -3.72 -10.06
CA SER A 65 -16.74 -2.59 -10.01
C SER A 65 -18.09 -2.98 -10.62
N PRO A 66 -19.19 -2.58 -10.01
CA PRO A 66 -20.54 -2.98 -10.42
C PRO A 66 -21.06 -2.09 -11.52
N THR A 67 -20.40 -2.22 -12.72
CA THR A 67 -20.72 -1.33 -13.81
C THR A 67 -22.17 -1.19 -14.21
N TYR A 68 -22.83 -2.37 -14.34
CA TYR A 68 -24.22 -2.38 -14.74
C TYR A 68 -25.18 -2.63 -13.54
N THR A 69 -24.66 -3.30 -12.56
CA THR A 69 -25.50 -3.61 -11.37
C THR A 69 -25.54 -2.45 -10.40
N LEU A 70 -24.55 -1.53 -10.48
CA LEU A 70 -24.59 -0.31 -9.71
C LEU A 70 -24.15 -0.51 -8.25
N VAL A 71 -24.52 -1.62 -7.66
CA VAL A 71 -24.12 -1.86 -6.27
C VAL A 71 -23.65 -3.27 -6.07
N GLU A 72 -22.58 -3.49 -5.36
CA GLU A 72 -22.07 -4.80 -5.02
C GLU A 72 -22.09 -4.91 -3.47
N GLU A 73 -22.67 -6.00 -2.97
CA GLU A 73 -22.73 -6.13 -1.47
C GLU A 73 -21.64 -7.03 -0.98
N TYR A 74 -20.87 -6.64 0.06
CA TYR A 74 -19.89 -7.41 0.68
C TYR A 74 -20.23 -7.75 2.18
N ASN A 75 -19.89 -8.96 2.57
CA ASN A 75 -20.02 -9.36 3.97
C ASN A 75 -18.65 -9.72 4.48
N ILE A 76 -18.01 -8.81 5.24
CA ILE A 76 -16.66 -9.00 5.66
C ILE A 76 -16.63 -9.28 7.19
N ALA A 77 -16.48 -10.55 7.51
CA ALA A 77 -16.49 -10.97 8.92
C ALA A 77 -17.75 -10.42 9.59
N GLY A 78 -18.84 -10.33 8.84
CA GLY A 78 -20.11 -9.91 9.41
C GLY A 78 -20.48 -8.46 9.20
N LYS A 79 -19.52 -7.62 8.82
CA LYS A 79 -19.82 -6.19 8.54
C LYS A 79 -20.31 -6.03 7.12
N MET A 80 -21.40 -5.37 6.89
CA MET A 80 -21.95 -5.25 5.53
C MET A 80 -21.36 -3.96 4.88
N ILE A 81 -20.76 -4.10 3.71
CA ILE A 81 -20.12 -2.98 3.04
C ILE A 81 -20.63 -2.95 1.61
N TYR A 82 -21.07 -1.79 1.18
CA TYR A 82 -21.68 -1.67 -0.14
C TYR A 82 -20.83 -0.74 -1.04
N HIS A 83 -20.44 -1.33 -2.17
CA HIS A 83 -19.61 -0.52 -3.13
C HIS A 83 -20.57 -0.14 -4.25
N PHE A 84 -20.66 1.18 -4.48
CA PHE A 84 -21.53 1.69 -5.55
C PHE A 84 -20.71 2.35 -6.65
N ASP A 85 -21.06 2.05 -7.91
CA ASP A 85 -20.53 2.85 -9.03
C ASP A 85 -21.79 3.31 -9.79
N LEU A 86 -22.14 4.56 -9.65
CA LEU A 86 -23.37 5.14 -10.08
C LEU A 86 -23.30 5.76 -11.49
N TYR A 87 -22.19 5.48 -12.16
CA TYR A 87 -21.98 6.09 -13.47
C TYR A 87 -23.17 5.88 -14.40
N ARG A 88 -23.77 4.70 -14.39
CA ARG A 88 -24.91 4.39 -15.27
C ARG A 88 -26.24 4.54 -14.59
N LEU A 89 -26.29 5.34 -13.52
CA LEU A 89 -27.56 5.65 -12.88
C LEU A 89 -28.25 6.77 -13.67
N ALA A 90 -29.16 6.39 -14.54
CA ALA A 90 -29.85 7.30 -15.44
C ALA A 90 -30.40 8.52 -14.71
N ASP A 91 -31.17 8.23 -13.68
CA ASP A 91 -31.79 9.22 -12.83
C ASP A 91 -31.77 8.71 -11.38
N PRO A 92 -31.52 9.59 -10.46
CA PRO A 92 -31.40 9.25 -9.05
C PRO A 92 -32.60 8.46 -8.56
N GLU A 93 -33.74 8.74 -9.18
CA GLU A 93 -35.01 8.11 -8.90
C GLU A 93 -34.91 6.60 -8.87
N GLU A 94 -34.13 6.05 -9.80
CA GLU A 94 -34.00 4.59 -9.90
C GLU A 94 -33.50 4.00 -8.60
N LEU A 95 -32.85 4.81 -7.76
CA LEU A 95 -32.32 4.36 -6.50
C LEU A 95 -33.38 3.93 -5.51
N GLU A 96 -34.48 4.67 -5.36
CA GLU A 96 -35.52 4.31 -4.40
C GLU A 96 -36.14 2.95 -4.71
N PHE A 97 -35.91 2.43 -5.90
CA PHE A 97 -36.45 1.15 -6.35
C PHE A 97 -35.63 -0.06 -5.92
N MET A 98 -34.40 -0.06 -6.44
CA MET A 98 -33.47 -1.16 -6.13
C MET A 98 -33.39 -1.28 -4.62
N GLY A 99 -32.63 -2.23 -4.09
CA GLY A 99 -32.52 -2.48 -2.69
C GLY A 99 -31.81 -1.47 -1.82
N ILE A 100 -31.44 -0.32 -2.34
CA ILE A 100 -30.75 0.72 -1.59
C ILE A 100 -31.28 0.82 -0.17
N ARG A 101 -32.59 0.90 -0.04
CA ARG A 101 -33.27 1.07 1.22
C ARG A 101 -32.47 0.60 2.42
N ASP A 102 -32.52 -0.71 2.66
CA ASP A 102 -31.91 -1.27 3.85
C ASP A 102 -30.44 -0.93 3.98
N TYR A 103 -29.74 -0.69 2.88
CA TYR A 103 -28.31 -0.41 2.95
C TYR A 103 -27.98 0.90 3.66
N PHE A 104 -28.80 1.91 3.51
CA PHE A 104 -28.54 3.21 4.13
C PHE A 104 -29.14 3.27 5.54
N ASN A 105 -29.93 2.26 5.91
CA ASN A 105 -30.55 2.24 7.22
C ASN A 105 -30.02 1.24 8.22
N THR A 106 -28.83 0.71 8.01
CA THR A 106 -28.23 -0.28 8.91
C THR A 106 -26.79 0.15 9.18
N ASP A 107 -26.03 -0.52 9.99
CA ASP A 107 -24.71 -0.20 10.43
C ASP A 107 -23.67 -0.75 9.36
N SER A 108 -23.92 -0.17 8.21
CA SER A 108 -23.05 -0.56 7.05
C SER A 108 -22.03 0.54 6.78
N ILE A 109 -21.20 0.22 5.75
CA ILE A 109 -20.27 1.28 5.23
C ILE A 109 -20.61 1.32 3.72
N CYS A 110 -20.77 2.51 3.17
CA CYS A 110 -21.13 2.57 1.74
C CYS A 110 -19.96 3.39 1.07
N LEU A 111 -19.48 2.81 -0.01
CA LEU A 111 -18.34 3.52 -0.71
C LEU A 111 -18.84 3.78 -2.13
N ILE A 112 -18.94 5.05 -2.48
CA ILE A 112 -19.71 5.47 -3.62
C ILE A 112 -18.86 6.20 -4.68
N GLU A 113 -18.84 5.62 -5.87
CA GLU A 113 -18.21 6.29 -7.04
C GLU A 113 -19.30 6.93 -7.84
N TRP A 114 -19.05 8.15 -8.37
CA TRP A 114 -20.05 8.89 -9.09
C TRP A 114 -21.28 9.24 -8.28
N SER A 115 -21.03 9.76 -7.04
CA SER A 115 -22.14 10.10 -6.17
C SER A 115 -22.99 11.23 -6.70
N GLU A 116 -22.44 12.07 -7.60
CA GLU A 116 -23.25 13.15 -8.16
C GLU A 116 -24.53 12.61 -8.81
N LYS A 117 -24.42 11.46 -9.45
CA LYS A 117 -25.54 10.83 -10.15
C LYS A 117 -26.69 10.51 -9.20
N GLY A 118 -26.41 10.43 -7.91
CA GLY A 118 -27.40 10.07 -6.93
C GLY A 118 -27.94 11.26 -6.15
N GLN A 119 -27.57 12.47 -6.57
CA GLN A 119 -27.96 13.68 -5.86
C GLN A 119 -29.45 13.71 -5.56
N GLY A 120 -29.79 13.99 -4.30
CA GLY A 120 -31.17 13.99 -3.85
C GLY A 120 -31.56 12.72 -3.12
N ILE A 121 -31.32 11.55 -3.70
CA ILE A 121 -31.68 10.29 -3.09
C ILE A 121 -30.64 9.77 -2.13
N LEU A 122 -29.37 9.86 -2.54
CA LEU A 122 -28.28 9.36 -1.66
C LEU A 122 -28.21 10.20 -0.39
N PRO A 123 -27.99 9.55 0.75
CA PRO A 123 -27.72 10.26 1.99
C PRO A 123 -26.42 11.08 1.80
N GLU A 124 -26.33 12.19 2.51
CA GLU A 124 -25.19 13.08 2.40
C GLU A 124 -23.94 12.34 2.87
N ALA A 125 -22.79 12.74 2.31
CA ALA A 125 -21.54 12.07 2.67
C ALA A 125 -21.06 12.45 4.07
N ASP A 126 -20.41 11.49 4.70
CA ASP A 126 -19.73 11.81 5.97
C ASP A 126 -18.33 12.33 5.61
N ILE A 127 -17.79 11.75 4.53
CA ILE A 127 -16.40 12.14 4.16
C ILE A 127 -16.29 12.05 2.62
N LEU A 128 -15.64 13.06 2.07
CA LEU A 128 -15.34 13.04 0.63
C LEU A 128 -13.89 12.60 0.51
N VAL A 129 -13.60 11.73 -0.49
CA VAL A 129 -12.19 11.37 -0.71
C VAL A 129 -11.86 11.86 -2.13
N ASN A 130 -11.06 12.94 -2.25
CA ASN A 130 -10.83 13.49 -3.61
C ASN A 130 -9.46 13.05 -4.04
N ILE A 131 -9.34 12.24 -5.09
CA ILE A 131 -8.10 11.69 -5.50
C ILE A 131 -7.54 12.48 -6.74
N ASP A 132 -6.33 12.95 -6.64
CA ASP A 132 -5.62 13.56 -7.79
C ASP A 132 -4.48 12.63 -8.17
N TYR A 133 -4.01 12.81 -9.44
CA TYR A 133 -3.01 11.83 -9.91
C TYR A 133 -1.98 12.49 -10.86
N TYR A 134 -0.88 11.83 -10.93
CA TYR A 134 0.25 12.20 -11.82
C TYR A 134 1.07 10.94 -12.06
N ASP A 135 1.08 10.41 -13.28
CA ASP A 135 1.84 9.18 -13.56
C ASP A 135 1.30 8.06 -12.65
N ASP A 136 2.10 7.38 -11.90
CA ASP A 136 1.60 6.30 -11.04
C ASP A 136 1.54 6.77 -9.57
N ALA A 137 1.64 8.09 -9.37
CA ALA A 137 1.50 8.61 -8.00
C ALA A 137 0.15 9.28 -7.87
N ARG A 138 -0.31 9.45 -6.63
CA ARG A 138 -1.57 10.09 -6.34
C ARG A 138 -1.42 10.98 -5.11
N ASN A 139 -2.42 11.84 -4.92
CA ASN A 139 -2.56 12.60 -3.66
C ASN A 139 -4.06 12.64 -3.37
N ILE A 140 -4.38 12.29 -2.09
CA ILE A 140 -5.80 12.25 -1.72
C ILE A 140 -6.07 13.32 -0.65
N GLU A 141 -7.20 13.98 -0.84
CA GLU A 141 -7.66 14.94 0.19
C GLU A 141 -8.91 14.26 0.78
N LEU A 142 -8.91 14.11 2.09
CA LEU A 142 -10.17 13.66 2.75
C LEU A 142 -10.77 14.91 3.39
N ILE A 143 -12.03 15.10 3.17
CA ILE A 143 -12.78 16.25 3.62
C ILE A 143 -14.01 15.74 4.45
N ALA A 144 -14.03 16.23 5.69
CA ALA A 144 -15.17 15.82 6.55
C ALA A 144 -16.38 16.66 6.20
N GLN A 145 -17.56 16.03 6.17
CA GLN A 145 -18.77 16.76 5.90
C GLN A 145 -19.71 16.76 7.12
N THR A 146 -19.52 15.77 7.96
CA THR A 146 -20.38 15.64 9.17
C THR A 146 -19.49 15.61 10.38
N ASN A 147 -20.15 15.56 11.58
CA ASN A 147 -19.38 15.30 12.78
C ASN A 147 -18.67 13.97 12.75
N LEU A 148 -19.32 12.94 12.20
CA LEU A 148 -18.66 11.63 12.11
C LEU A 148 -17.43 11.78 11.20
N GLY A 149 -17.61 12.54 10.12
CA GLY A 149 -16.43 12.77 9.22
C GLY A 149 -15.27 13.36 9.98
N LYS A 150 -15.59 14.38 10.84
CA LYS A 150 -14.54 14.95 11.67
C LYS A 150 -13.82 13.96 12.54
N ASN A 151 -14.60 13.02 13.16
CA ASN A 151 -14.06 11.97 13.98
C ASN A 151 -13.19 10.98 13.19
N ILE A 152 -13.60 10.73 11.95
CA ILE A 152 -12.81 9.86 11.08
C ILE A 152 -11.45 10.48 10.77
N ILE A 153 -11.47 11.78 10.43
CA ILE A 153 -10.21 12.44 10.12
C ILE A 153 -9.30 12.55 11.33
N SER A 154 -9.87 12.77 12.50
CA SER A 154 -9.08 12.89 13.72
C SER A 154 -8.41 11.55 14.04
N ALA A 155 -9.05 10.47 13.59
CA ALA A 155 -8.46 9.15 13.87
C ALA A 155 -7.18 8.90 13.13
N PHE A 156 -6.90 9.64 12.06
CA PHE A 156 -5.70 9.44 11.27
C PHE A 156 -4.43 9.90 11.96
N SER A 157 -4.56 10.69 13.02
CA SER A 157 -3.45 11.24 13.76
C SER A 157 -2.51 10.18 14.31
N ASN A 158 -1.42 10.65 14.90
CA ASN A 158 -0.41 9.77 15.49
C ASN A 158 -0.42 9.88 17.01
N MET B 1 32.84 21.25 -2.49
CA MET B 1 31.52 21.15 -1.78
C MET B 1 30.38 20.88 -2.75
N GLU B 2 30.04 19.62 -2.88
CA GLU B 2 29.01 19.05 -3.71
C GLU B 2 27.71 19.81 -3.79
N SER B 3 27.15 19.87 -5.02
CA SER B 3 25.90 20.58 -5.27
C SER B 3 25.06 19.85 -6.29
N LEU B 4 23.75 19.88 -6.12
CA LEU B 4 22.78 19.30 -7.06
C LEU B 4 21.77 20.39 -7.40
N THR B 5 21.54 20.71 -8.64
CA THR B 5 20.57 21.68 -9.08
C THR B 5 19.40 20.95 -9.74
N GLN B 6 18.26 20.97 -9.04
CA GLN B 6 17.11 20.22 -9.52
C GLN B 6 15.94 21.13 -9.78
N TYR B 7 15.52 21.24 -11.04
CA TYR B 7 14.28 21.98 -11.35
C TYR B 7 13.11 20.97 -11.06
N ILE B 8 12.11 21.58 -10.48
CA ILE B 8 10.88 20.84 -10.04
C ILE B 8 9.69 21.44 -10.76
N PRO B 9 9.15 20.80 -11.78
CA PRO B 9 8.17 21.40 -12.66
C PRO B 9 6.81 21.66 -12.10
N ASP B 10 6.46 20.92 -11.02
CA ASP B 10 5.12 21.04 -10.43
C ASP B 10 5.13 20.37 -9.02
N GLU B 11 3.95 20.43 -8.38
CA GLU B 11 3.86 19.98 -6.99
C GLU B 11 3.96 18.49 -6.85
N PHE B 12 3.42 17.70 -7.76
CA PHE B 12 3.66 16.23 -7.68
C PHE B 12 5.14 15.92 -7.74
N SER B 13 5.89 16.70 -8.61
CA SER B 13 7.34 16.41 -8.68
C SER B 13 8.07 16.83 -7.43
N MET B 14 7.55 17.79 -6.64
CA MET B 14 8.20 18.20 -5.40
C MET B 14 8.00 17.04 -4.37
N LEU B 15 6.78 16.49 -4.43
CA LEU B 15 6.53 15.35 -3.46
C LEU B 15 7.41 14.18 -3.83
N ARG B 16 7.51 13.85 -5.11
CA ARG B 16 8.39 12.80 -5.59
C ARG B 16 9.85 13.00 -5.17
N PHE B 17 10.35 14.26 -5.36
CA PHE B 17 11.72 14.57 -4.97
C PHE B 17 11.90 14.44 -3.48
N GLY B 18 10.87 14.82 -2.70
CA GLY B 18 10.99 14.68 -1.25
C GLY B 18 11.14 13.18 -0.87
N LYS B 19 10.31 12.37 -1.51
CA LYS B 19 10.36 10.91 -1.17
C LYS B 19 11.74 10.34 -1.49
N LYS B 20 12.26 10.68 -2.69
CA LYS B 20 13.57 10.18 -3.08
C LYS B 20 14.65 10.61 -2.08
N PHE B 21 14.59 11.90 -1.69
CA PHE B 21 15.53 12.43 -0.71
C PHE B 21 15.41 11.66 0.60
N ALA B 22 14.20 11.50 1.10
CA ALA B 22 14.00 10.84 2.38
C ALA B 22 14.47 9.39 2.34
N GLU B 23 14.29 8.73 1.20
CA GLU B 23 14.76 7.35 1.05
C GLU B 23 16.26 7.27 1.20
N ILE B 24 17.00 8.22 0.67
CA ILE B 24 18.46 8.20 0.81
C ILE B 24 18.79 8.31 2.29
N LEU B 25 18.17 9.33 2.92
CA LEU B 25 18.37 9.59 4.34
C LEU B 25 18.02 8.44 5.23
N LEU B 26 16.97 7.66 4.94
CA LEU B 26 16.52 6.58 5.83
C LEU B 26 17.53 5.41 5.88
N LYS B 27 18.33 5.28 4.86
CA LYS B 27 19.30 4.15 4.79
C LYS B 27 20.58 4.40 5.53
N LEU B 28 20.69 5.53 6.19
CA LEU B 28 21.89 5.87 6.93
C LEU B 28 21.67 5.69 8.42
N HIS B 29 22.55 4.89 9.03
CA HIS B 29 22.43 4.69 10.48
C HIS B 29 23.52 5.56 11.12
N THR B 30 23.20 6.79 11.49
CA THR B 30 24.17 7.72 11.98
C THR B 30 24.37 7.70 13.48
N GLU B 31 25.46 8.38 13.87
CA GLU B 31 25.82 8.48 15.29
C GLU B 31 25.36 9.82 15.81
N LYS B 32 25.12 10.75 14.88
CA LYS B 32 24.63 12.08 15.18
C LYS B 32 23.51 12.46 14.19
N ALA B 33 22.82 13.54 14.46
CA ALA B 33 21.66 13.92 13.64
C ALA B 33 22.08 14.39 12.27
N ILE B 34 21.35 13.91 11.24
CA ILE B 34 21.53 14.52 9.90
C ILE B 34 20.78 15.84 9.88
N MET B 35 21.48 16.93 9.69
CA MET B 35 20.91 18.27 9.72
C MET B 35 20.66 18.78 8.30
N VAL B 36 19.41 19.06 8.01
CA VAL B 36 19.00 19.60 6.71
C VAL B 36 18.27 20.91 6.91
N TYR B 37 18.82 22.00 6.38
CA TYR B 37 18.17 23.30 6.46
C TYR B 37 17.32 23.54 5.20
N LEU B 38 16.04 23.77 5.34
CA LEU B 38 15.15 24.10 4.25
C LEU B 38 15.01 25.63 4.19
N ASN B 39 15.54 26.21 3.13
CA ASN B 39 15.53 27.66 2.92
C ASN B 39 14.66 28.09 1.78
N GLY B 40 13.85 29.14 1.99
CA GLY B 40 12.96 29.67 0.97
C GLY B 40 11.95 30.62 1.63
N ASP B 41 11.35 31.47 0.84
CA ASP B 41 10.34 32.40 1.37
C ASP B 41 9.13 31.60 1.80
N LEU B 42 8.19 32.25 2.54
CA LEU B 42 6.93 31.58 2.80
C LEU B 42 6.27 31.20 1.49
N GLY B 43 5.79 29.95 1.44
CA GLY B 43 5.12 29.47 0.22
C GLY B 43 6.14 28.81 -0.75
N ALA B 44 7.42 28.92 -0.48
CA ALA B 44 8.39 28.32 -1.44
C ALA B 44 8.16 26.79 -1.52
N GLY B 45 7.62 26.20 -0.48
CA GLY B 45 7.37 24.74 -0.48
C GLY B 45 8.17 23.96 0.52
N LYS B 46 8.80 24.54 1.55
CA LYS B 46 9.57 23.81 2.51
C LYS B 46 8.70 22.74 3.21
N THR B 47 7.48 23.10 3.57
CA THR B 47 6.63 22.12 4.30
C THR B 47 6.07 21.10 3.33
N THR B 48 5.87 21.52 2.07
CA THR B 48 5.32 20.56 1.10
C THR B 48 6.40 19.53 0.78
N LEU B 49 7.65 20.00 0.70
CA LEU B 49 8.78 19.11 0.46
C LEU B 49 8.86 18.16 1.66
N THR B 50 8.70 18.73 2.87
CA THR B 50 8.78 17.82 4.06
C THR B 50 7.63 16.84 4.03
N ARG B 51 6.48 17.24 3.53
CA ARG B 51 5.34 16.30 3.49
C ARG B 51 5.65 15.17 2.51
N GLY B 52 6.26 15.55 1.35
CA GLY B 52 6.63 14.48 0.40
C GLY B 52 7.68 13.56 0.99
N MET B 53 8.64 14.04 1.77
CA MET B 53 9.61 13.22 2.41
C MET B 53 8.91 12.24 3.42
N LEU B 54 8.17 12.78 4.35
CA LEU B 54 7.57 11.93 5.43
C LEU B 54 6.52 11.00 4.93
N GLN B 55 5.54 11.49 4.17
CA GLN B 55 4.53 10.62 3.57
C GLN B 55 5.08 9.71 2.51
N GLY B 56 6.07 10.13 1.75
CA GLY B 56 6.76 9.32 0.78
C GLY B 56 7.37 8.06 1.40
N ILE B 57 7.88 8.14 2.61
CA ILE B 57 8.49 7.00 3.28
C ILE B 57 7.52 6.23 4.14
N GLY B 58 6.23 6.58 4.08
CA GLY B 58 5.19 5.81 4.73
C GLY B 58 4.35 6.44 5.77
N HIS B 59 4.69 7.66 6.23
CA HIS B 59 3.80 8.34 7.16
C HIS B 59 2.40 8.45 6.61
N GLN B 60 1.39 7.94 7.37
CA GLN B 60 0.00 8.18 6.93
C GLN B 60 -0.66 9.11 7.94
N GLY B 61 -1.01 10.31 7.55
CA GLY B 61 -1.64 11.31 8.39
C GLY B 61 -1.07 12.69 8.05
N ASN B 62 -1.62 13.76 8.63
CA ASN B 62 -1.17 15.09 8.26
C ASN B 62 0.26 15.38 8.69
N VAL B 63 0.89 16.20 7.85
CA VAL B 63 2.26 16.70 8.13
C VAL B 63 2.06 18.22 8.26
N LYS B 64 1.68 18.58 9.49
CA LYS B 64 1.32 19.95 9.80
C LYS B 64 2.50 20.86 10.05
N SER B 65 2.47 22.02 9.39
CA SER B 65 3.42 23.09 9.59
C SER B 65 3.61 23.30 11.11
N PRO B 66 4.83 23.26 11.56
CA PRO B 66 5.13 23.39 12.98
C PRO B 66 5.33 24.84 13.42
N THR B 67 4.89 25.78 12.60
CA THR B 67 5.08 27.20 12.89
C THR B 67 4.70 27.56 14.32
N TYR B 68 3.70 26.87 14.88
CA TYR B 68 3.23 27.15 16.22
C TYR B 68 3.99 26.40 17.30
N THR B 69 4.13 25.09 17.14
CA THR B 69 4.76 24.23 18.15
C THR B 69 6.26 24.24 18.10
N LEU B 70 6.81 24.74 16.99
CA LEU B 70 8.26 24.85 16.86
C LEU B 70 8.90 23.55 16.39
N VAL B 71 8.47 22.43 16.93
CA VAL B 71 8.99 21.12 16.51
C VAL B 71 7.86 20.10 16.48
N GLU B 72 7.86 19.23 15.46
CA GLU B 72 6.98 18.06 15.45
C GLU B 72 7.81 16.80 15.29
N GLU B 73 7.49 15.75 16.05
CA GLU B 73 8.28 14.51 15.95
C GLU B 73 7.55 13.41 15.21
N TYR B 74 8.33 12.64 14.42
CA TYR B 74 7.80 11.51 13.67
C TYR B 74 8.74 10.31 13.91
N ASN B 75 8.13 9.12 13.98
CA ASN B 75 8.91 7.90 14.11
C ASN B 75 8.61 7.04 12.89
N ILE B 76 9.55 7.06 11.93
CA ILE B 76 9.20 6.47 10.63
C ILE B 76 10.18 5.42 10.19
N ALA B 77 9.66 4.28 9.71
CA ALA B 77 10.50 3.20 9.24
C ALA B 77 11.78 3.09 10.08
N GLY B 78 11.63 3.13 11.39
CA GLY B 78 12.68 2.96 12.35
C GLY B 78 13.45 4.19 12.77
N LYS B 79 13.26 5.34 12.13
CA LYS B 79 14.09 6.50 12.47
C LYS B 79 13.27 7.67 13.02
N MET B 80 13.83 8.40 13.98
CA MET B 80 13.16 9.59 14.48
C MET B 80 13.48 10.73 13.49
N ILE B 81 12.43 11.46 13.15
CA ILE B 81 12.56 12.61 12.27
C ILE B 81 11.90 13.77 12.99
N TYR B 82 12.66 14.86 13.15
CA TYR B 82 12.19 16.05 13.82
C TYR B 82 12.04 17.22 12.82
N HIS B 83 10.84 17.70 12.73
CA HIS B 83 10.53 18.82 11.82
C HIS B 83 10.42 20.10 12.63
N PHE B 84 11.42 20.98 12.42
CA PHE B 84 11.36 22.27 13.13
C PHE B 84 10.91 23.39 12.20
N ASP B 85 10.21 24.37 12.71
CA ASP B 85 9.84 25.60 12.01
C ASP B 85 10.10 26.72 13.07
N LEU B 86 11.22 27.34 12.95
CA LEU B 86 11.64 28.39 13.88
C LEU B 86 11.07 29.76 13.48
N TYR B 87 10.03 29.79 12.66
CA TYR B 87 9.56 31.09 12.18
C TYR B 87 9.27 32.00 13.39
N ARG B 88 8.68 31.40 14.42
CA ARG B 88 8.25 32.17 15.58
C ARG B 88 9.19 32.15 16.75
N LEU B 89 10.41 31.62 16.63
CA LEU B 89 11.37 31.70 17.74
C LEU B 89 11.65 33.18 18.01
N ALA B 90 11.36 33.62 19.23
CA ALA B 90 11.62 35.01 19.60
C ALA B 90 13.13 35.27 19.65
N ASP B 91 13.82 34.44 20.42
CA ASP B 91 15.27 34.58 20.56
C ASP B 91 16.00 33.24 20.53
N PRO B 92 17.02 33.14 19.69
CA PRO B 92 17.83 31.95 19.55
C PRO B 92 18.20 31.34 20.89
N GLU B 93 18.58 32.18 21.86
CA GLU B 93 18.89 31.70 23.20
C GLU B 93 17.81 30.78 23.73
N GLU B 94 16.55 31.13 23.50
CA GLU B 94 15.41 30.35 23.97
C GLU B 94 15.42 28.92 23.47
N LEU B 95 16.29 28.65 22.52
CA LEU B 95 16.49 27.33 21.93
C LEU B 95 17.40 26.48 22.81
N GLU B 96 18.44 27.13 23.31
CA GLU B 96 19.48 26.45 24.05
C GLU B 96 18.98 25.70 25.27
N PHE B 97 17.92 26.22 25.91
CA PHE B 97 17.44 25.54 27.12
C PHE B 97 16.11 24.84 26.97
N MET B 98 15.64 24.67 25.74
CA MET B 98 14.47 23.82 25.49
C MET B 98 15.02 22.42 25.22
N GLY B 99 14.22 21.38 25.16
CA GLY B 99 14.65 20.03 24.92
C GLY B 99 15.35 19.58 23.69
N ILE B 100 15.95 20.42 22.86
CA ILE B 100 16.67 20.06 21.66
C ILE B 100 17.77 19.01 21.86
N ARG B 101 17.96 18.59 23.09
CA ARG B 101 18.95 17.65 23.53
C ARG B 101 19.04 16.37 22.71
N ASP B 102 18.16 15.42 23.04
CA ASP B 102 18.14 14.12 22.40
C ASP B 102 17.90 14.20 20.89
N TYR B 103 17.41 15.33 20.41
CA TYR B 103 17.10 15.48 18.99
C TYR B 103 18.33 15.49 18.10
N PHE B 104 19.34 16.27 18.43
CA PHE B 104 20.57 16.33 17.65
C PHE B 104 21.59 15.27 18.02
N ASN B 105 21.42 14.57 19.12
CA ASN B 105 22.31 13.58 19.65
C ASN B 105 22.10 12.15 19.24
N THR B 106 21.07 11.85 18.44
CA THR B 106 20.84 10.45 18.10
C THR B 106 20.79 10.24 16.59
N ASP B 107 20.56 9.00 16.23
CA ASP B 107 20.44 8.54 14.88
C ASP B 107 19.15 9.10 14.22
N SER B 108 19.08 10.41 14.16
CA SER B 108 17.88 11.05 13.62
C SER B 108 18.11 11.94 12.41
N ILE B 109 17.00 12.46 11.88
CA ILE B 109 17.02 13.43 10.79
C ILE B 109 16.34 14.71 11.33
N CYS B 110 17.00 15.85 11.24
CA CYS B 110 16.33 17.09 11.67
C CYS B 110 16.09 17.99 10.46
N LEU B 111 14.85 18.33 10.18
CA LEU B 111 14.56 19.17 9.00
C LEU B 111 14.15 20.57 9.52
N ILE B 112 14.93 21.58 9.25
CA ILE B 112 14.65 22.88 9.89
C ILE B 112 14.23 23.96 8.92
N GLU B 113 13.06 24.54 9.13
CA GLU B 113 12.55 25.65 8.37
C GLU B 113 12.94 26.95 9.11
N TRP B 114 13.36 27.95 8.36
CA TRP B 114 13.78 29.23 8.97
C TRP B 114 14.91 29.09 9.95
N SER B 115 15.93 28.28 9.61
CA SER B 115 17.09 28.05 10.42
C SER B 115 17.76 29.33 10.93
N GLU B 116 17.71 30.41 10.16
CA GLU B 116 18.39 31.64 10.62
C GLU B 116 17.91 32.14 11.96
N LYS B 117 16.63 31.94 12.28
CA LYS B 117 16.11 32.35 13.58
C LYS B 117 16.81 31.70 14.76
N GLY B 118 17.71 30.75 14.54
CA GLY B 118 18.39 30.11 15.69
C GLY B 118 19.89 30.07 15.43
N GLN B 119 20.48 31.24 15.26
CA GLN B 119 21.85 31.49 14.95
C GLN B 119 22.91 30.49 15.36
N GLY B 120 23.34 30.50 16.63
CA GLY B 120 24.41 29.66 17.09
C GLY B 120 24.09 28.45 17.89
N ILE B 121 22.83 28.10 18.12
CA ILE B 121 22.50 26.94 18.93
C ILE B 121 22.73 25.61 18.22
N LEU B 122 21.91 25.34 17.23
CA LEU B 122 21.92 24.11 16.46
C LEU B 122 23.15 23.94 15.57
N PRO B 123 23.58 22.70 15.40
CA PRO B 123 24.71 22.36 14.59
C PRO B 123 24.62 22.81 13.14
N GLU B 124 25.76 22.72 12.46
CA GLU B 124 25.89 23.09 11.07
C GLU B 124 25.05 22.15 10.20
N ALA B 125 24.41 22.68 9.16
CA ALA B 125 23.67 21.78 8.26
C ALA B 125 24.64 20.88 7.50
N ASP B 126 24.26 19.63 7.32
CA ASP B 126 25.00 18.71 6.46
C ASP B 126 24.62 19.08 5.00
N ILE B 127 23.35 19.46 4.87
CA ILE B 127 22.80 19.83 3.57
C ILE B 127 21.92 21.06 3.64
N LEU B 128 22.11 22.01 2.77
CA LEU B 128 21.32 23.19 2.58
C LEU B 128 20.36 22.94 1.41
N VAL B 129 19.07 23.18 1.59
CA VAL B 129 18.12 23.00 0.50
C VAL B 129 17.53 24.35 0.16
N ASN B 130 18.07 24.97 -0.88
CA ASN B 130 17.60 26.28 -1.27
C ASN B 130 16.53 26.27 -2.35
N ILE B 131 15.33 26.71 -2.03
CA ILE B 131 14.20 26.72 -2.87
C ILE B 131 13.70 28.04 -3.41
N ASP B 132 13.69 28.14 -4.76
CA ASP B 132 13.13 29.28 -5.45
C ASP B 132 11.81 28.90 -6.08
N TYR B 133 10.92 29.85 -6.35
CA TYR B 133 9.63 29.59 -6.87
C TYR B 133 9.12 30.50 -7.98
N TYR B 134 8.26 29.96 -8.83
CA TYR B 134 7.51 30.71 -9.83
C TYR B 134 6.27 29.97 -10.22
N ASP B 135 5.07 30.55 -10.03
CA ASP B 135 3.80 29.89 -10.24
C ASP B 135 3.85 28.53 -9.51
N ASP B 136 3.56 27.42 -10.20
CA ASP B 136 3.64 26.13 -9.48
C ASP B 136 4.90 25.36 -9.71
N ALA B 137 5.97 26.05 -10.18
CA ALA B 137 7.26 25.45 -10.42
C ALA B 137 8.26 25.88 -9.36
N ARG B 138 9.25 25.05 -9.10
CA ARG B 138 10.27 25.39 -8.11
C ARG B 138 11.65 25.05 -8.70
N ASN B 139 12.65 25.66 -8.13
CA ASN B 139 14.04 25.49 -8.53
C ASN B 139 14.87 25.34 -7.28
N ILE B 140 15.45 24.17 -7.11
CA ILE B 140 16.17 23.85 -5.91
C ILE B 140 17.64 23.70 -6.10
N GLU B 141 18.39 24.16 -5.09
CA GLU B 141 19.79 23.75 -5.06
C GLU B 141 20.10 23.05 -3.75
N LEU B 142 20.69 21.87 -3.78
CA LEU B 142 21.10 21.18 -2.58
C LEU B 142 22.64 21.47 -2.48
N ILE B 143 23.07 21.94 -1.32
CA ILE B 143 24.50 22.28 -1.16
C ILE B 143 25.04 21.48 0.00
N ALA B 144 25.98 20.58 -0.28
CA ALA B 144 26.56 19.77 0.78
C ALA B 144 27.56 20.61 1.58
N GLN B 145 27.59 20.46 2.89
CA GLN B 145 28.53 21.23 3.71
C GLN B 145 29.46 20.29 4.48
N THR B 146 29.23 19.00 4.33
CA THR B 146 29.93 17.97 5.04
C THR B 146 30.11 16.75 4.14
N ASN B 147 31.06 15.89 4.50
CA ASN B 147 31.29 14.67 3.73
C ASN B 147 30.01 13.84 3.68
N LEU B 148 29.28 13.84 4.80
CA LEU B 148 28.04 13.01 4.85
C LEU B 148 27.03 13.63 3.87
N GLY B 149 27.00 14.95 3.87
CA GLY B 149 26.20 15.73 2.94
C GLY B 149 26.55 15.42 1.48
N LYS B 150 27.85 15.30 1.17
CA LYS B 150 28.28 15.05 -0.21
C LYS B 150 27.90 13.68 -0.68
N ASN B 151 27.95 12.69 0.25
CA ASN B 151 27.49 11.36 -0.15
C ASN B 151 26.00 11.32 -0.43
N ILE B 152 25.23 12.04 0.38
CA ILE B 152 23.75 12.01 0.19
C ILE B 152 23.43 12.60 -1.19
N ILE B 153 24.12 13.68 -1.52
CA ILE B 153 23.86 14.38 -2.79
C ILE B 153 24.26 13.50 -3.96
N SER B 154 25.42 12.86 -3.83
CA SER B 154 25.92 11.96 -4.88
C SER B 154 24.90 10.87 -5.19
N ALA B 155 24.15 10.46 -4.18
CA ALA B 155 23.16 9.40 -4.34
C ALA B 155 22.01 9.76 -5.22
N PHE B 156 21.68 11.03 -5.44
CA PHE B 156 20.57 11.38 -6.32
C PHE B 156 20.89 11.12 -7.80
N SER B 157 22.17 11.10 -8.14
CA SER B 157 22.53 10.97 -9.55
C SER B 157 23.22 9.64 -9.82
N ASN B 158 23.07 8.71 -8.88
CA ASN B 158 23.65 7.38 -9.01
C ASN B 158 22.63 6.36 -9.49
N MET C 1 -5.16 -12.11 -20.61
CA MET C 1 -5.42 -13.28 -19.72
C MET C 1 -6.32 -12.87 -18.54
N GLU C 2 -7.22 -13.74 -18.14
CA GLU C 2 -8.09 -13.49 -16.97
C GLU C 2 -7.19 -13.46 -15.72
N SER C 3 -7.48 -12.54 -14.76
CA SER C 3 -6.59 -12.50 -13.60
C SER C 3 -7.38 -12.01 -12.36
N LEU C 4 -6.75 -12.21 -11.22
CA LEU C 4 -7.35 -11.69 -9.94
C LEU C 4 -6.23 -10.96 -9.22
N THR C 5 -6.53 -9.73 -8.68
CA THR C 5 -5.47 -9.14 -7.86
C THR C 5 -5.98 -9.05 -6.39
N GLN C 6 -5.09 -9.45 -5.54
CA GLN C 6 -5.48 -9.60 -4.11
C GLN C 6 -4.37 -9.03 -3.25
N TYR C 7 -4.83 -7.98 -2.48
CA TYR C 7 -3.95 -7.39 -1.48
C TYR C 7 -3.98 -8.29 -0.20
N ILE C 8 -2.88 -8.56 0.32
CA ILE C 8 -2.59 -9.45 1.45
C ILE C 8 -1.81 -8.64 2.51
N PRO C 9 -2.61 -8.09 3.42
CA PRO C 9 -2.00 -7.16 4.42
C PRO C 9 -1.09 -7.81 5.39
N ASP C 10 -1.31 -9.09 5.75
CA ASP C 10 -0.50 -9.72 6.75
C ASP C 10 -0.48 -11.25 6.60
N GLU C 11 0.37 -11.91 7.35
CA GLU C 11 0.56 -13.34 7.23
C GLU C 11 -0.73 -14.10 7.39
N PHE C 12 -1.59 -13.68 8.32
CA PHE C 12 -2.84 -14.46 8.52
C PHE C 12 -3.72 -14.40 7.31
N SER C 13 -3.75 -13.23 6.62
CA SER C 13 -4.53 -13.05 5.42
C SER C 13 -3.95 -13.98 4.33
N MET C 14 -2.66 -14.13 4.27
CA MET C 14 -2.06 -15.03 3.25
C MET C 14 -2.56 -16.47 3.51
N LEU C 15 -2.56 -16.84 4.78
CA LEU C 15 -3.07 -18.21 5.06
C LEU C 15 -4.50 -18.38 4.69
N ARG C 16 -5.42 -17.47 5.00
CA ARG C 16 -6.79 -17.53 4.66
C ARG C 16 -7.04 -17.60 3.14
N PHE C 17 -6.24 -16.80 2.43
CA PHE C 17 -6.38 -16.84 0.94
C PHE C 17 -5.97 -18.25 0.47
N GLY C 18 -4.92 -18.79 1.00
CA GLY C 18 -4.43 -20.11 0.64
C GLY C 18 -5.55 -21.16 0.86
N LYS C 19 -6.23 -21.00 1.99
CA LYS C 19 -7.35 -21.98 2.23
C LYS C 19 -8.44 -21.82 1.22
N LYS C 20 -8.83 -20.64 0.79
CA LYS C 20 -9.86 -20.35 -0.13
C LYS C 20 -9.44 -20.92 -1.53
N PHE C 21 -8.17 -20.69 -1.80
CA PHE C 21 -7.66 -21.19 -3.15
C PHE C 21 -7.62 -22.70 -3.14
N ALA C 22 -7.13 -23.37 -2.12
CA ALA C 22 -7.08 -24.82 -2.03
C ALA C 22 -8.47 -25.44 -2.04
N GLU C 23 -9.48 -24.79 -1.42
CA GLU C 23 -10.81 -25.44 -1.49
C GLU C 23 -11.41 -25.35 -2.89
N ILE C 24 -10.99 -24.34 -3.63
CA ILE C 24 -11.47 -24.18 -5.02
C ILE C 24 -10.82 -25.35 -5.82
N LEU C 25 -9.54 -25.55 -5.63
CA LEU C 25 -8.87 -26.64 -6.34
C LEU C 25 -9.39 -28.02 -6.01
N LEU C 26 -9.80 -28.28 -4.78
CA LEU C 26 -10.22 -29.66 -4.44
C LEU C 26 -11.46 -30.05 -5.22
N LYS C 27 -12.24 -29.14 -5.75
CA LYS C 27 -13.49 -29.43 -6.43
C LYS C 27 -13.21 -29.83 -7.90
N LEU C 28 -11.95 -29.68 -8.32
CA LEU C 28 -11.65 -29.80 -9.76
C LEU C 28 -10.90 -31.06 -10.04
N HIS C 29 -11.28 -31.76 -11.13
CA HIS C 29 -10.61 -33.06 -11.38
C HIS C 29 -10.06 -33.07 -12.81
N THR C 30 -8.83 -33.57 -12.92
CA THR C 30 -8.13 -33.48 -14.21
C THR C 30 -7.30 -34.76 -14.39
N GLU C 31 -6.98 -35.04 -15.65
CA GLU C 31 -6.16 -36.23 -15.93
C GLU C 31 -4.69 -35.97 -15.66
N LYS C 32 -4.29 -34.69 -15.71
CA LYS C 32 -2.91 -34.35 -15.46
C LYS C 32 -2.88 -33.34 -14.31
N ALA C 33 -1.72 -33.02 -13.78
CA ALA C 33 -1.72 -32.18 -12.56
C ALA C 33 -2.26 -30.81 -12.78
N ILE C 34 -2.92 -30.27 -11.70
CA ILE C 34 -3.28 -28.84 -11.78
C ILE C 34 -1.98 -28.11 -11.41
N MET C 35 -1.47 -27.29 -12.30
CA MET C 35 -0.12 -26.77 -12.15
C MET C 35 -0.16 -25.29 -11.79
N VAL C 36 0.40 -25.00 -10.63
CA VAL C 36 0.41 -23.67 -10.04
C VAL C 36 1.86 -23.27 -9.77
N TYR C 37 2.30 -22.19 -10.40
CA TYR C 37 3.68 -21.71 -10.22
C TYR C 37 3.61 -20.54 -9.16
N LEU C 38 4.33 -20.70 -8.10
CA LEU C 38 4.30 -19.59 -7.07
C LEU C 38 5.60 -18.78 -7.37
N ASN C 39 5.37 -17.55 -7.79
CA ASN C 39 6.54 -16.72 -8.20
C ASN C 39 6.72 -15.61 -7.17
N GLY C 40 7.97 -15.32 -6.85
CA GLY C 40 8.23 -14.19 -5.92
C GLY C 40 9.62 -14.39 -5.34
N ASP C 41 10.22 -13.28 -4.88
CA ASP C 41 11.55 -13.35 -4.28
C ASP C 41 11.60 -14.25 -3.05
N LEU C 42 12.80 -14.63 -2.62
CA LEU C 42 12.93 -15.32 -1.33
C LEU C 42 12.30 -14.52 -0.20
N GLY C 43 11.42 -15.12 0.59
CA GLY C 43 10.72 -14.41 1.67
C GLY C 43 9.40 -13.79 1.32
N ALA C 44 8.96 -13.79 0.06
CA ALA C 44 7.75 -13.17 -0.39
C ALA C 44 6.51 -13.84 0.22
N GLY C 45 6.63 -15.14 0.53
CA GLY C 45 5.40 -15.79 1.09
C GLY C 45 4.92 -16.97 0.24
N LYS C 46 5.77 -17.51 -0.62
CA LYS C 46 5.29 -18.69 -1.43
C LYS C 46 5.00 -19.87 -0.52
N THR C 47 5.86 -20.23 0.40
CA THR C 47 5.71 -21.40 1.24
C THR C 47 4.66 -21.17 2.30
N THR C 48 4.54 -19.88 2.67
CA THR C 48 3.47 -19.56 3.65
C THR C 48 2.11 -19.66 2.99
N LEU C 49 1.96 -19.27 1.72
CA LEU C 49 0.74 -19.43 1.00
C LEU C 49 0.47 -20.99 0.90
N THR C 50 1.56 -21.70 0.61
CA THR C 50 1.31 -23.19 0.50
C THR C 50 0.88 -23.78 1.83
N ARG C 51 1.38 -23.26 2.93
CA ARG C 51 0.96 -23.73 4.29
C ARG C 51 -0.49 -23.38 4.51
N GLY C 52 -0.94 -22.22 4.06
CA GLY C 52 -2.32 -21.82 4.13
C GLY C 52 -3.23 -22.85 3.42
N MET C 53 -2.80 -23.16 2.16
CA MET C 53 -3.54 -24.13 1.37
C MET C 53 -3.57 -25.48 2.10
N LEU C 54 -2.52 -26.00 2.61
CA LEU C 54 -2.50 -27.37 3.15
C LEU C 54 -3.14 -27.46 4.54
N GLN C 55 -2.75 -26.51 5.39
CA GLN C 55 -3.38 -26.47 6.72
C GLN C 55 -4.80 -26.04 6.64
N GLY C 56 -5.23 -25.28 5.66
CA GLY C 56 -6.55 -24.83 5.39
C GLY C 56 -7.48 -26.05 5.07
N ILE C 57 -6.90 -27.03 4.40
CA ILE C 57 -7.75 -28.19 4.05
C ILE C 57 -7.52 -29.35 4.98
N GLY C 58 -6.90 -29.11 6.13
CA GLY C 58 -6.77 -30.15 7.14
C GLY C 58 -5.48 -30.70 7.55
N HIS C 59 -4.34 -30.31 6.92
CA HIS C 59 -3.04 -30.81 7.35
C HIS C 59 -2.65 -30.25 8.72
N GLN C 60 -2.31 -31.12 9.66
CA GLN C 60 -1.89 -30.65 11.01
C GLN C 60 -0.39 -30.91 11.14
N GLY C 61 0.38 -29.88 11.49
CA GLY C 61 1.81 -30.01 11.59
C GLY C 61 2.51 -29.12 10.55
N ASN C 62 3.83 -29.11 10.61
CA ASN C 62 4.69 -28.26 9.81
C ASN C 62 4.49 -28.45 8.30
N VAL C 63 4.66 -27.36 7.59
CA VAL C 63 4.75 -27.40 6.11
C VAL C 63 6.16 -26.94 5.80
N LYS C 64 7.05 -27.92 5.67
CA LYS C 64 8.47 -27.58 5.49
C LYS C 64 8.76 -26.98 4.13
N SER C 65 9.76 -26.11 4.08
CA SER C 65 10.24 -25.60 2.78
C SER C 65 10.86 -26.79 2.04
N PRO C 66 10.44 -27.03 0.84
CA PRO C 66 10.98 -28.10 0.01
C PRO C 66 12.33 -27.73 -0.61
N THR C 67 12.97 -26.66 -0.17
CA THR C 67 14.23 -26.23 -0.78
C THR C 67 15.27 -27.34 -0.81
N TYR C 68 15.56 -27.94 0.32
CA TYR C 68 16.56 -29.01 0.42
C TYR C 68 16.10 -30.30 -0.23
N THR C 69 14.83 -30.68 -0.11
CA THR C 69 14.35 -31.96 -0.59
C THR C 69 13.78 -31.98 -1.99
N LEU C 70 13.58 -30.84 -2.62
CA LEU C 70 13.00 -30.75 -3.94
C LEU C 70 11.47 -30.78 -3.90
N VAL C 71 10.91 -31.84 -3.35
CA VAL C 71 9.45 -31.99 -3.35
C VAL C 71 9.02 -32.65 -2.06
N GLU C 72 7.89 -32.21 -1.53
CA GLU C 72 7.32 -32.79 -0.31
C GLU C 72 5.89 -33.20 -0.70
N GLU C 73 5.44 -34.36 -0.27
CA GLU C 73 4.11 -34.79 -0.59
C GLU C 73 3.11 -34.79 0.55
N TYR C 74 1.87 -34.52 0.16
CA TYR C 74 0.75 -34.51 1.06
C TYR C 74 -0.42 -35.28 0.44
N ASN C 75 -1.04 -36.08 1.29
CA ASN C 75 -2.27 -36.75 0.87
C ASN C 75 -3.40 -36.29 1.82
N ILE C 76 -4.24 -35.44 1.36
CA ILE C 76 -5.31 -34.84 2.12
C ILE C 76 -6.65 -35.23 1.50
N ALA C 77 -7.36 -36.10 2.22
CA ALA C 77 -8.59 -36.67 1.69
C ALA C 77 -8.31 -37.46 0.42
N GLY C 78 -7.21 -38.22 0.43
CA GLY C 78 -6.85 -39.00 -0.75
C GLY C 78 -6.41 -38.15 -1.94
N LYS C 79 -6.47 -36.83 -1.83
CA LYS C 79 -6.01 -35.97 -2.93
C LYS C 79 -4.51 -35.75 -2.78
N MET C 80 -3.73 -35.98 -3.85
CA MET C 80 -2.30 -35.81 -3.71
C MET C 80 -1.86 -34.38 -4.08
N ILE C 81 -1.13 -33.79 -3.15
CA ILE C 81 -0.58 -32.43 -3.40
C ILE C 81 0.92 -32.55 -3.24
N TYR C 82 1.64 -32.12 -4.30
CA TYR C 82 3.07 -32.14 -4.35
C TYR C 82 3.62 -30.67 -4.31
N HIS C 83 4.43 -30.45 -3.32
CA HIS C 83 4.97 -29.07 -3.19
C HIS C 83 6.44 -29.13 -3.60
N PHE C 84 6.76 -28.39 -4.69
CA PHE C 84 8.15 -28.41 -5.14
C PHE C 84 8.87 -27.08 -4.85
N ASP C 85 10.20 -27.17 -4.67
CA ASP C 85 11.01 -25.92 -4.67
C ASP C 85 12.25 -26.28 -5.58
N LEU C 86 12.34 -25.67 -6.73
CA LEU C 86 13.35 -26.08 -7.71
C LEU C 86 14.66 -25.33 -7.54
N TYR C 87 14.78 -24.59 -6.44
CA TYR C 87 15.95 -23.78 -6.18
C TYR C 87 17.27 -24.50 -6.46
N ARG C 88 17.48 -25.66 -5.86
CA ARG C 88 18.72 -26.40 -6.02
C ARG C 88 18.68 -27.39 -7.19
N LEU C 89 17.85 -27.08 -8.18
CA LEU C 89 17.80 -27.97 -9.36
C LEU C 89 18.92 -27.51 -10.30
N ALA C 90 19.96 -28.33 -10.39
CA ALA C 90 21.10 -27.99 -11.24
C ALA C 90 20.71 -28.19 -12.71
N ASP C 91 19.85 -29.20 -12.95
CA ASP C 91 19.41 -29.45 -14.32
C ASP C 91 18.05 -30.11 -14.41
N PRO C 92 17.13 -29.44 -15.08
CA PRO C 92 15.78 -29.94 -15.30
C PRO C 92 15.76 -31.44 -15.55
N GLU C 93 16.87 -31.96 -16.06
CA GLU C 93 17.02 -33.39 -16.33
C GLU C 93 16.60 -34.20 -15.10
N GLU C 94 16.87 -33.64 -13.91
CA GLU C 94 16.56 -34.29 -12.65
C GLU C 94 15.08 -34.38 -12.31
N LEU C 95 14.17 -33.90 -13.15
CA LEU C 95 12.76 -34.05 -12.84
C LEU C 95 12.16 -35.31 -13.47
N GLU C 96 12.90 -36.01 -14.32
CA GLU C 96 12.38 -37.15 -15.05
C GLU C 96 11.98 -38.31 -14.12
N PHE C 97 12.59 -38.38 -12.95
CA PHE C 97 12.24 -39.42 -11.97
C PHE C 97 10.78 -39.75 -11.91
N MET C 98 9.90 -38.75 -12.10
CA MET C 98 8.47 -38.96 -11.97
C MET C 98 7.89 -39.88 -13.02
N GLY C 99 8.55 -40.00 -14.19
CA GLY C 99 7.98 -40.82 -15.26
C GLY C 99 6.72 -40.24 -15.85
N ILE C 100 5.83 -41.09 -16.38
CA ILE C 100 4.62 -40.60 -17.01
C ILE C 100 3.32 -40.93 -16.30
N ARG C 101 3.29 -41.54 -15.14
CA ARG C 101 2.05 -41.86 -14.41
C ARG C 101 2.03 -41.08 -13.09
N ASP C 102 3.07 -40.29 -12.83
CA ASP C 102 3.25 -39.74 -11.48
C ASP C 102 3.39 -38.23 -11.42
N TYR C 103 3.13 -37.65 -10.23
CA TYR C 103 3.38 -36.20 -10.06
C TYR C 103 2.70 -35.34 -11.10
N PHE C 104 3.41 -34.83 -12.12
CA PHE C 104 2.79 -33.95 -13.10
C PHE C 104 1.75 -34.66 -13.95
N ASN C 105 1.91 -35.97 -14.12
CA ASN C 105 1.06 -36.70 -15.05
C ASN C 105 0.00 -37.52 -14.38
N THR C 106 -0.53 -36.98 -13.27
CA THR C 106 -1.64 -37.64 -12.58
C THR C 106 -2.59 -36.58 -12.02
N ASP C 107 -3.67 -37.01 -11.40
CA ASP C 107 -4.70 -36.10 -10.90
C ASP C 107 -4.28 -35.47 -9.58
N SER C 108 -3.17 -34.75 -9.65
CA SER C 108 -2.63 -34.16 -8.39
C SER C 108 -2.76 -32.66 -8.54
N ILE C 109 -2.33 -31.97 -7.47
CA ILE C 109 -2.20 -30.53 -7.48
C ILE C 109 -0.67 -30.31 -7.20
N CYS C 110 -0.03 -29.62 -8.16
CA CYS C 110 1.39 -29.37 -8.03
C CYS C 110 1.65 -27.88 -7.82
N LEU C 111 2.38 -27.53 -6.77
CA LEU C 111 2.71 -26.14 -6.45
C LEU C 111 4.26 -26.03 -6.58
N ILE C 112 4.66 -25.15 -7.48
CA ILE C 112 6.08 -25.06 -7.80
C ILE C 112 6.69 -23.72 -7.38
N GLU C 113 7.70 -23.80 -6.53
CA GLU C 113 8.47 -22.54 -6.27
C GLU C 113 9.72 -22.59 -7.18
N TRP C 114 10.19 -21.45 -7.65
CA TRP C 114 11.35 -21.41 -8.54
C TRP C 114 11.14 -22.20 -9.84
N SER C 115 10.02 -22.01 -10.45
CA SER C 115 9.65 -22.62 -11.72
C SER C 115 10.71 -22.32 -12.81
N GLU C 116 11.36 -21.16 -12.67
CA GLU C 116 12.36 -20.75 -13.66
C GLU C 116 13.42 -21.83 -13.85
N LYS C 117 13.79 -22.50 -12.78
CA LYS C 117 14.81 -23.55 -12.89
C LYS C 117 14.35 -24.75 -13.67
N GLY C 118 13.10 -24.81 -14.16
CA GLY C 118 12.66 -25.94 -14.94
C GLY C 118 12.19 -25.66 -16.35
N GLN C 119 12.56 -24.53 -16.92
CA GLN C 119 12.13 -24.12 -18.25
C GLN C 119 12.37 -25.18 -19.31
N GLY C 120 11.38 -25.48 -20.13
CA GLY C 120 11.54 -26.48 -21.20
C GLY C 120 11.09 -27.85 -20.78
N ILE C 121 11.04 -28.09 -19.47
CA ILE C 121 10.59 -29.40 -18.98
C ILE C 121 9.29 -29.36 -18.21
N LEU C 122 8.97 -28.23 -17.57
CA LEU C 122 7.75 -28.13 -16.80
C LEU C 122 6.55 -27.94 -17.70
N PRO C 123 5.38 -28.44 -17.30
CA PRO C 123 4.14 -28.27 -17.99
C PRO C 123 3.71 -26.84 -17.87
N GLU C 124 2.96 -26.27 -18.79
CA GLU C 124 2.56 -24.87 -18.69
C GLU C 124 1.58 -24.78 -17.46
N ALA C 125 1.79 -23.70 -16.71
CA ALA C 125 0.92 -23.54 -15.51
C ALA C 125 -0.49 -23.23 -15.89
N ASP C 126 -1.47 -23.73 -15.05
CA ASP C 126 -2.83 -23.30 -15.24
C ASP C 126 -2.98 -21.92 -14.54
N ILE C 127 -2.31 -21.81 -13.42
CA ILE C 127 -2.29 -20.54 -12.67
C ILE C 127 -0.87 -20.14 -12.29
N LEU C 128 -0.62 -18.81 -12.57
CA LEU C 128 0.58 -18.19 -12.03
C LEU C 128 0.14 -17.33 -10.75
N VAL C 129 0.90 -17.56 -9.73
CA VAL C 129 0.69 -16.71 -8.52
C VAL C 129 1.89 -15.78 -8.40
N ASN C 130 1.68 -14.54 -8.81
CA ASN C 130 2.84 -13.59 -8.67
C ASN C 130 2.66 -12.79 -7.36
N ILE C 131 3.60 -12.99 -6.47
CA ILE C 131 3.62 -12.31 -5.18
C ILE C 131 4.65 -11.15 -5.21
N ASP C 132 4.11 -9.98 -5.00
CA ASP C 132 4.90 -8.76 -4.86
C ASP C 132 4.79 -8.32 -3.41
N TYR C 133 5.81 -7.59 -2.95
CA TYR C 133 5.84 -7.25 -1.53
C TYR C 133 6.42 -5.83 -1.37
N TYR C 134 6.01 -5.25 -0.27
CA TYR C 134 6.37 -3.91 0.09
C TYR C 134 6.28 -3.80 1.61
N ASP C 135 7.47 -3.81 2.21
CA ASP C 135 7.50 -3.84 3.69
C ASP C 135 6.81 -5.11 4.12
N ASP C 136 5.97 -5.10 5.13
CA ASP C 136 5.30 -6.29 5.63
C ASP C 136 4.11 -6.74 4.79
N ALA C 137 3.72 -5.96 3.77
CA ALA C 137 2.46 -6.32 3.07
C ALA C 137 2.78 -7.18 1.86
N ARG C 138 1.78 -7.85 1.28
CA ARG C 138 2.03 -8.45 -0.07
C ARG C 138 0.86 -8.12 -0.98
N ASN C 139 1.08 -8.24 -2.31
CA ASN C 139 0.02 -8.13 -3.25
C ASN C 139 0.17 -9.28 -4.26
N ILE C 140 -0.90 -10.01 -4.43
CA ILE C 140 -0.81 -11.20 -5.29
C ILE C 140 -1.62 -10.97 -6.53
N GLU C 141 -1.04 -11.51 -7.65
CA GLU C 141 -1.88 -11.47 -8.85
C GLU C 141 -1.97 -12.90 -9.33
N LEU C 142 -3.17 -13.47 -9.49
CA LEU C 142 -3.23 -14.83 -10.05
C LEU C 142 -3.63 -14.67 -11.55
N ILE C 143 -2.82 -15.32 -12.40
CA ILE C 143 -3.12 -15.18 -13.84
C ILE C 143 -3.42 -16.57 -14.43
N ALA C 144 -4.54 -16.65 -15.09
CA ALA C 144 -4.93 -17.91 -15.70
C ALA C 144 -4.28 -17.98 -17.12
N GLN C 145 -3.73 -19.14 -17.35
CA GLN C 145 -3.16 -19.35 -18.75
C GLN C 145 -3.98 -20.39 -19.50
N THR C 146 -4.97 -21.04 -18.88
CA THR C 146 -5.70 -22.15 -19.47
C THR C 146 -7.20 -22.04 -19.18
N ASN C 147 -8.02 -22.83 -19.86
CA ASN C 147 -9.46 -22.86 -19.58
C ASN C 147 -9.69 -23.19 -18.09
N LEU C 148 -8.95 -24.20 -17.65
CA LEU C 148 -9.06 -24.65 -16.26
C LEU C 148 -8.70 -23.49 -15.32
N GLY C 149 -7.61 -22.77 -15.65
CA GLY C 149 -7.21 -21.59 -14.90
C GLY C 149 -8.30 -20.53 -14.92
N LYS C 150 -8.98 -20.29 -16.03
CA LYS C 150 -10.09 -19.39 -16.08
C LYS C 150 -11.17 -19.79 -15.06
N ASN C 151 -11.46 -21.09 -15.03
CA ASN C 151 -12.53 -21.53 -14.12
C ASN C 151 -12.06 -21.28 -12.66
N ILE C 152 -10.81 -21.48 -12.38
CA ILE C 152 -10.25 -21.29 -11.04
C ILE C 152 -10.40 -19.84 -10.62
N ILE C 153 -10.08 -18.92 -11.53
CA ILE C 153 -10.24 -17.50 -11.21
C ILE C 153 -11.69 -17.14 -11.04
N SER C 154 -12.61 -17.71 -11.83
CA SER C 154 -14.01 -17.36 -11.72
C SER C 154 -14.54 -17.80 -10.33
N ALA C 155 -13.94 -18.81 -9.77
CA ALA C 155 -14.42 -19.32 -8.46
C ALA C 155 -14.08 -18.37 -7.32
N PHE C 156 -13.35 -17.30 -7.54
CA PHE C 156 -13.12 -16.32 -6.43
C PHE C 156 -14.11 -15.16 -6.49
N SER C 157 -15.08 -15.19 -7.40
CA SER C 157 -16.08 -14.14 -7.53
C SER C 157 -16.86 -13.94 -6.23
N ASN C 158 -17.42 -12.74 -6.04
CA ASN C 158 -18.23 -12.47 -4.82
C ASN C 158 -19.68 -12.81 -5.06
#